data_6MWJ
#
_entry.id   6MWJ
#
_cell.length_a   117.050
_cell.length_b   67.400
_cell.length_c   60.210
_cell.angle_alpha   90.000
_cell.angle_beta   96.400
_cell.angle_gamma   90.000
#
_symmetry.space_group_name_H-M   'C 1 2 1'
#
loop_
_entity.id
_entity.type
_entity.pdbx_description
1 polymer '2-C-methyl-D-erythritol 2,4-cyclodiphosphate synthase'
2 non-polymer 'ZINC ION'
3 non-polymer 5-ACETAMIDO-1,3,4-THIADIAZOLE-2-SULFONAMIDE
4 non-polymer 'DIMETHYL SULFOXIDE'
5 water water
#
_entity_poly.entity_id   1
_entity_poly.type   'polypeptide(L)'
_entity_poly.pdbx_seq_one_letter_code
;GPGSMDFRIGQGYDVHQLVPGRPLIIGGVTIPYERGLLGHSDADVLLHAITDALFGAAALGDIGRHFSDTDPRFKGADSR
ALLRECASRVAQAGFAIRNVDSTIIAQAPKLAPHIDAMRANIAADLDLPLDRVNVKAKTNEKLGYLGRGEGIEAQAAALV
VREAAA
;
_entity_poly.pdbx_strand_id   A,B,C
#
loop_
_chem_comp.id
_chem_comp.type
_chem_comp.name
_chem_comp.formula
AZM non-polymer 5-ACETAMIDO-1,3,4-THIADIAZOLE-2-SULFONAMIDE 'C4 H6 N4 O3 S2'
DMS non-polymer 'DIMETHYL SULFOXIDE' 'C2 H6 O S'
ZN non-polymer 'ZINC ION' 'Zn 2'
#
# COMPACT_ATOMS: atom_id res chain seq x y z
N SER A 4 1.83 11.32 -22.80
CA SER A 4 1.83 12.70 -22.32
C SER A 4 2.53 12.81 -20.97
N MET A 5 2.12 13.80 -20.17
CA MET A 5 2.61 13.96 -18.81
C MET A 5 1.50 13.82 -17.78
N ASP A 6 0.30 13.35 -18.19
CA ASP A 6 -0.83 13.23 -17.27
C ASP A 6 -0.77 11.86 -16.60
N PHE A 7 0.13 11.74 -15.63
CA PHE A 7 0.35 10.49 -14.92
C PHE A 7 -0.65 10.33 -13.77
N ARG A 8 -0.98 9.06 -13.47
CA ARG A 8 -1.87 8.72 -12.36
C ARG A 8 -1.36 7.45 -11.70
N ILE A 9 -1.51 7.36 -10.37
CA ILE A 9 -1.14 6.13 -9.69
C ILE A 9 -2.38 5.50 -9.07
N GLY A 10 -2.39 4.17 -9.00
CA GLY A 10 -3.41 3.45 -8.30
C GLY A 10 -2.78 2.42 -7.37
N GLN A 11 -3.55 2.03 -6.35
CA GLN A 11 -3.09 1.00 -5.42
C GLN A 11 -4.21 -0.01 -5.19
N GLY A 12 -3.84 -1.25 -4.93
CA GLY A 12 -4.83 -2.30 -4.71
C GLY A 12 -4.43 -3.21 -3.57
N TYR A 13 -5.45 -3.82 -2.97
CA TYR A 13 -5.32 -4.75 -1.84
C TYR A 13 -6.32 -5.87 -2.04
N ASP A 14 -5.94 -7.10 -1.68
CA ASP A 14 -6.93 -8.17 -1.65
C ASP A 14 -6.46 -9.26 -0.69
N VAL A 15 -7.43 -10.03 -0.19
CA VAL A 15 -7.17 -11.21 0.65
C VAL A 15 -8.28 -12.22 0.39
N HIS A 16 -7.93 -13.51 0.43
CA HIS A 16 -8.94 -14.56 0.37
C HIS A 16 -8.53 -15.65 1.33
N GLN A 17 -9.53 -16.31 1.90
CA GLN A 17 -9.28 -17.45 2.77
C GLN A 17 -8.70 -18.59 1.95
N LEU A 18 -7.84 -19.38 2.61
CA LEU A 18 -7.25 -20.58 2.05
C LEU A 18 -7.99 -21.80 2.62
N VAL A 19 -8.66 -22.56 1.77
CA VAL A 19 -9.54 -23.63 2.25
C VAL A 19 -9.29 -24.90 1.45
N PRO A 20 -9.64 -26.06 2.00
CA PRO A 20 -9.56 -27.30 1.23
C PRO A 20 -10.65 -27.36 0.17
N GLY A 21 -10.38 -28.14 -0.88
CA GLY A 21 -11.37 -28.37 -1.91
C GLY A 21 -11.48 -27.29 -2.97
N ARG A 22 -10.54 -26.33 -3.01
CA ARG A 22 -10.53 -25.28 -4.02
C ARG A 22 -9.21 -25.31 -4.78
N PRO A 23 -9.22 -24.93 -6.07
CA PRO A 23 -7.95 -24.72 -6.78
C PRO A 23 -7.21 -23.52 -6.22
N LEU A 24 -5.89 -23.60 -6.25
CA LEU A 24 -5.04 -22.47 -5.85
C LEU A 24 -4.54 -21.78 -7.11
N ILE A 25 -5.13 -20.63 -7.42
CA ILE A 25 -4.82 -19.89 -8.63
C ILE A 25 -4.38 -18.50 -8.20
N ILE A 26 -3.11 -18.19 -8.44
CA ILE A 26 -2.52 -16.90 -8.09
C ILE A 26 -1.75 -16.40 -9.30
N GLY A 27 -2.01 -15.17 -9.71
CA GLY A 27 -1.39 -14.65 -10.93
C GLY A 27 -1.72 -15.46 -12.16
N GLY A 28 -2.90 -16.10 -12.18
CA GLY A 28 -3.27 -16.95 -13.30
C GLY A 28 -2.64 -18.32 -13.29
N VAL A 29 -1.74 -18.62 -12.34
CA VAL A 29 -1.06 -19.90 -12.27
C VAL A 29 -1.83 -20.83 -11.34
N THR A 30 -2.17 -22.02 -11.82
CA THR A 30 -2.72 -23.09 -10.98
C THR A 30 -1.55 -23.77 -10.29
N ILE A 31 -1.48 -23.63 -8.97
CA ILE A 31 -0.35 -24.11 -8.18
C ILE A 31 -0.79 -25.39 -7.48
N PRO A 32 -0.06 -26.50 -7.64
CA PRO A 32 -0.45 -27.74 -6.95
C PRO A 32 -0.35 -27.56 -5.44
N TYR A 33 -1.46 -27.80 -4.76
CA TYR A 33 -1.57 -27.55 -3.33
C TYR A 33 -2.86 -28.17 -2.81
N GLU A 34 -2.80 -28.68 -1.57
CA GLU A 34 -3.97 -29.31 -0.97
C GLU A 34 -5.08 -28.32 -0.66
N ARG A 35 -4.80 -27.01 -0.65
CA ARG A 35 -5.83 -26.02 -0.37
C ARG A 35 -5.85 -24.99 -1.50
N GLY A 36 -6.93 -24.20 -1.54
CA GLY A 36 -7.06 -23.18 -2.55
C GLY A 36 -7.76 -21.96 -1.99
N LEU A 37 -7.84 -20.91 -2.81
CA LEU A 37 -8.43 -19.67 -2.34
C LEU A 37 -9.94 -19.69 -2.55
N LEU A 38 -10.68 -19.20 -1.55
CA LEU A 38 -12.14 -19.24 -1.56
C LEU A 38 -12.69 -17.92 -2.04
N GLY A 39 -13.51 -17.97 -3.09
CA GLY A 39 -14.20 -16.77 -3.55
C GLY A 39 -15.28 -17.12 -4.54
N HIS A 40 -16.06 -16.10 -4.92
N HIS A 40 -16.06 -16.10 -4.92
CA HIS A 40 -17.09 -16.28 -5.94
CA HIS A 40 -17.09 -16.28 -5.94
C HIS A 40 -16.47 -16.58 -7.30
C HIS A 40 -16.46 -16.59 -7.29
N SER A 41 -15.44 -15.81 -7.68
CA SER A 41 -14.66 -16.10 -8.87
C SER A 41 -13.67 -17.22 -8.58
N ASP A 42 -12.64 -17.36 -9.41
CA ASP A 42 -11.55 -18.26 -9.05
C ASP A 42 -10.71 -17.74 -7.88
N ALA A 43 -11.03 -16.57 -7.32
CA ALA A 43 -10.43 -16.04 -6.10
C ALA A 43 -8.94 -15.71 -6.25
N ASP A 44 -8.51 -15.38 -7.47
CA ASP A 44 -7.11 -15.01 -7.73
C ASP A 44 -6.76 -13.71 -7.04
N VAL A 45 -6.20 -13.81 -5.83
CA VAL A 45 -6.01 -12.62 -4.98
C VAL A 45 -5.02 -11.63 -5.60
N LEU A 46 -3.98 -12.13 -6.29
CA LEU A 46 -3.03 -11.22 -6.92
C LEU A 46 -3.65 -10.43 -8.06
N LEU A 47 -4.41 -11.10 -8.94
CA LEU A 47 -4.99 -10.36 -10.06
C LEU A 47 -6.07 -9.39 -9.59
N HIS A 48 -6.82 -9.75 -8.55
CA HIS A 48 -7.82 -8.82 -8.01
C HIS A 48 -7.16 -7.56 -7.48
N ALA A 49 -6.05 -7.70 -6.76
CA ALA A 49 -5.31 -6.54 -6.28
C ALA A 49 -4.82 -5.67 -7.43
N ILE A 50 -4.28 -6.29 -8.49
CA ILE A 50 -3.79 -5.49 -9.62
C ILE A 50 -4.95 -4.85 -10.36
N THR A 51 -6.06 -5.58 -10.53
CA THR A 51 -7.27 -5.02 -11.14
C THR A 51 -7.73 -3.77 -10.39
N ASP A 52 -7.76 -3.84 -9.05
CA ASP A 52 -8.15 -2.68 -8.25
C ASP A 52 -7.20 -1.51 -8.46
N ALA A 53 -5.89 -1.79 -8.52
CA ALA A 53 -4.93 -0.69 -8.70
C ALA A 53 -5.15 0.01 -10.03
N LEU A 54 -5.48 -0.75 -11.07
CA LEU A 54 -5.68 -0.17 -12.40
C LEU A 54 -6.96 0.64 -12.46
N PHE A 55 -8.07 0.09 -11.93
CA PHE A 55 -9.30 0.87 -11.86
C PHE A 55 -9.09 2.13 -11.02
N GLY A 56 -8.28 2.04 -9.96
CA GLY A 56 -8.11 3.20 -9.10
C GLY A 56 -7.26 4.27 -9.74
N ALA A 57 -6.23 3.87 -10.49
CA ALA A 57 -5.39 4.82 -11.21
C ALA A 57 -6.19 5.59 -12.25
N ALA A 58 -7.14 4.93 -12.90
CA ALA A 58 -8.00 5.56 -13.89
C ALA A 58 -9.22 6.22 -13.26
N ALA A 59 -9.36 6.16 -11.93
CA ALA A 59 -10.52 6.68 -11.21
C ALA A 59 -11.83 6.11 -11.77
N LEU A 60 -11.87 4.80 -11.94
CA LEU A 60 -13.03 4.08 -12.45
C LEU A 60 -13.70 3.24 -11.37
N GLY A 61 -13.43 3.51 -10.10
CA GLY A 61 -14.02 2.76 -9.02
C GLY A 61 -13.18 1.54 -8.66
N ASP A 62 -13.82 0.38 -8.54
CA ASP A 62 -13.10 -0.82 -8.09
C ASP A 62 -13.68 -2.06 -8.78
N ILE A 63 -13.07 -3.21 -8.45
CA ILE A 63 -13.38 -4.45 -9.15
C ILE A 63 -14.81 -4.88 -8.88
N GLY A 64 -15.31 -4.65 -7.66
CA GLY A 64 -16.70 -5.00 -7.35
C GLY A 64 -17.72 -4.17 -8.10
N ARG A 65 -17.41 -2.89 -8.34
CA ARG A 65 -18.27 -2.08 -9.20
C ARG A 65 -18.35 -2.65 -10.61
N HIS A 66 -17.21 -3.11 -11.14
CA HIS A 66 -17.18 -3.52 -12.54
C HIS A 66 -17.59 -4.97 -12.76
N PHE A 67 -17.34 -5.84 -11.78
CA PHE A 67 -17.67 -7.27 -11.89
C PHE A 67 -18.28 -7.71 -10.55
N SER A 68 -19.61 -7.76 -10.49
CA SER A 68 -20.32 -8.08 -9.25
C SER A 68 -19.87 -9.41 -8.66
N ASP A 69 -19.54 -9.40 -7.37
CA ASP A 69 -19.06 -10.61 -6.70
C ASP A 69 -20.17 -11.53 -6.26
N THR A 70 -21.43 -11.24 -6.63
CA THR A 70 -22.55 -12.11 -6.35
C THR A 70 -23.29 -12.57 -7.61
N ASP A 71 -22.96 -12.00 -8.77
CA ASP A 71 -23.65 -12.34 -10.02
C ASP A 71 -23.34 -13.78 -10.41
N PRO A 72 -24.36 -14.61 -10.66
CA PRO A 72 -24.08 -16.01 -11.04
C PRO A 72 -23.24 -16.17 -12.30
N ARG A 73 -23.18 -15.15 -13.17
CA ARG A 73 -22.37 -15.25 -14.37
C ARG A 73 -20.86 -15.20 -14.08
N PHE A 74 -20.47 -14.76 -12.87
CA PHE A 74 -19.06 -14.69 -12.50
C PHE A 74 -18.66 -15.80 -11.55
N LYS A 75 -19.53 -16.79 -11.34
CA LYS A 75 -19.17 -17.93 -10.50
C LYS A 75 -18.02 -18.69 -11.15
N GLY A 76 -16.92 -18.84 -10.43
CA GLY A 76 -15.76 -19.47 -11.01
C GLY A 76 -15.09 -18.68 -12.10
N ALA A 77 -15.42 -17.39 -12.23
CA ALA A 77 -14.86 -16.57 -13.31
C ALA A 77 -13.34 -16.62 -13.32
N ASP A 78 -12.79 -16.66 -14.55
CA ASP A 78 -11.36 -16.57 -14.79
C ASP A 78 -10.91 -15.15 -14.50
N SER A 79 -10.09 -14.96 -13.45
CA SER A 79 -9.71 -13.60 -13.09
C SER A 79 -8.74 -12.97 -14.10
N ARG A 80 -8.14 -13.76 -15.01
CA ARG A 80 -7.37 -13.14 -16.08
C ARG A 80 -8.28 -12.47 -17.09
N ALA A 81 -9.43 -13.09 -17.37
CA ALA A 81 -10.41 -12.44 -18.25
C ALA A 81 -10.93 -11.15 -17.61
N LEU A 82 -11.13 -11.15 -16.29
CA LEU A 82 -11.53 -9.92 -15.63
C LEU A 82 -10.43 -8.87 -15.73
N LEU A 83 -9.17 -9.28 -15.56
CA LEU A 83 -8.05 -8.35 -15.66
C LEU A 83 -7.97 -7.74 -17.05
N ARG A 84 -8.16 -8.56 -18.08
CA ARG A 84 -8.08 -8.07 -19.46
C ARG A 84 -9.22 -7.11 -19.76
N GLU A 85 -10.43 -7.39 -19.27
CA GLU A 85 -11.53 -6.45 -19.47
C GLU A 85 -11.29 -5.17 -18.67
N CYS A 86 -10.72 -5.29 -17.46
CA CYS A 86 -10.30 -4.09 -16.73
C CYS A 86 -9.36 -3.25 -17.57
N ALA A 87 -8.33 -3.88 -18.16
CA ALA A 87 -7.37 -3.12 -18.97
C ALA A 87 -8.05 -2.52 -20.20
N SER A 88 -9.05 -3.23 -20.75
CA SER A 88 -9.78 -2.67 -21.88
C SER A 88 -10.58 -1.44 -21.48
N ARG A 89 -11.24 -1.49 -20.31
CA ARG A 89 -11.96 -0.31 -19.83
C ARG A 89 -11.00 0.83 -19.48
N VAL A 90 -9.85 0.52 -18.89
CA VAL A 90 -8.87 1.57 -18.58
C VAL A 90 -8.38 2.22 -19.86
N ALA A 91 -8.13 1.42 -20.91
CA ALA A 91 -7.78 1.99 -22.22
C ALA A 91 -8.94 2.81 -22.79
N GLN A 92 -10.17 2.32 -22.66
CA GLN A 92 -11.32 3.07 -23.16
C GLN A 92 -11.45 4.43 -22.47
N ALA A 93 -11.06 4.52 -21.19
CA ALA A 93 -11.07 5.80 -20.49
C ALA A 93 -9.94 6.71 -20.92
N GLY A 94 -9.05 6.25 -21.79
CA GLY A 94 -7.97 7.07 -22.33
C GLY A 94 -6.60 6.86 -21.70
N PHE A 95 -6.38 5.79 -20.95
CA PHE A 95 -5.15 5.58 -20.20
C PHE A 95 -4.31 4.46 -20.80
N ALA A 96 -3.00 4.70 -20.89
CA ALA A 96 -2.03 3.63 -21.16
C ALA A 96 -1.33 3.23 -19.87
N ILE A 97 -1.07 1.93 -19.72
CA ILE A 97 -0.42 1.42 -18.51
C ILE A 97 1.09 1.51 -18.67
N ARG A 98 1.77 2.11 -17.69
CA ARG A 98 3.22 2.25 -17.73
C ARG A 98 3.95 1.15 -16.93
N ASN A 99 3.46 0.78 -15.75
CA ASN A 99 4.02 -0.38 -15.06
C ASN A 99 3.10 -0.84 -13.94
N VAL A 100 3.35 -2.06 -13.50
CA VAL A 100 2.63 -2.68 -12.39
C VAL A 100 3.68 -3.31 -11.47
N ASP A 101 3.51 -3.10 -10.17
CA ASP A 101 4.31 -3.77 -9.14
C ASP A 101 3.34 -4.41 -8.16
N SER A 102 3.77 -5.49 -7.51
CA SER A 102 2.84 -6.18 -6.62
C SER A 102 3.61 -7.04 -5.63
N THR A 103 2.89 -7.50 -4.59
CA THR A 103 3.45 -8.38 -3.56
C THR A 103 2.40 -9.43 -3.20
N ILE A 104 2.84 -10.68 -3.06
CA ILE A 104 2.01 -11.75 -2.48
C ILE A 104 2.57 -12.05 -1.10
N ILE A 105 1.69 -12.21 -0.11
CA ILE A 105 2.10 -12.56 1.26
C ILE A 105 1.42 -13.87 1.64
N ALA A 106 2.22 -14.90 1.90
CA ALA A 106 1.70 -16.24 2.14
C ALA A 106 2.70 -17.04 2.97
N GLN A 107 2.17 -17.82 3.91
CA GLN A 107 3.01 -18.75 4.67
C GLN A 107 3.47 -19.91 3.80
N ALA A 108 2.59 -20.33 2.88
CA ALA A 108 2.76 -21.52 2.06
C ALA A 108 1.75 -21.44 0.93
N PRO A 109 2.00 -22.13 -0.20
CA PRO A 109 3.22 -22.89 -0.51
C PRO A 109 4.36 -21.96 -0.95
N LYS A 110 5.50 -22.55 -1.29
CA LYS A 110 6.60 -21.80 -1.88
C LYS A 110 6.16 -21.24 -3.23
N LEU A 111 6.22 -19.92 -3.37
CA LEU A 111 5.77 -19.28 -4.61
C LEU A 111 6.91 -18.92 -5.55
N ALA A 112 8.16 -18.95 -5.08
CA ALA A 112 9.28 -18.61 -5.95
C ALA A 112 9.29 -19.38 -7.27
N PRO A 113 9.05 -20.69 -7.33
CA PRO A 113 9.01 -21.39 -8.63
C PRO A 113 7.93 -20.88 -9.59
N HIS A 114 6.97 -20.08 -9.14
CA HIS A 114 5.82 -19.69 -9.95
C HIS A 114 5.79 -18.22 -10.30
N ILE A 115 6.65 -17.41 -9.70
CA ILE A 115 6.57 -15.95 -9.83
C ILE A 115 6.82 -15.50 -11.25
N ASP A 116 7.80 -16.09 -11.94
CA ASP A 116 8.05 -15.68 -13.32
C ASP A 116 6.85 -15.98 -14.21
N ALA A 117 6.19 -17.12 -13.98
CA ALA A 117 4.98 -17.45 -14.74
C ALA A 117 3.85 -16.46 -14.46
N MET A 118 3.67 -16.03 -13.21
CA MET A 118 2.66 -15.02 -12.91
C MET A 118 2.97 -13.72 -13.62
N ARG A 119 4.23 -13.29 -13.56
CA ARG A 119 4.62 -12.06 -14.24
CA ARG A 119 4.62 -12.06 -14.24
C ARG A 119 4.33 -12.15 -15.74
N ALA A 120 4.62 -13.31 -16.35
CA ALA A 120 4.35 -13.47 -17.79
C ALA A 120 2.85 -13.39 -18.07
N ASN A 121 2.02 -13.94 -17.18
CA ASN A 121 0.57 -13.91 -17.38
C ASN A 121 0.03 -12.49 -17.32
N ILE A 122 0.47 -11.74 -16.30
CA ILE A 122 0.01 -10.36 -16.15
C ILE A 122 0.49 -9.51 -17.32
N ALA A 123 1.75 -9.64 -17.70
CA ALA A 123 2.25 -8.88 -18.85
C ALA A 123 1.43 -9.19 -20.10
N ALA A 124 1.08 -10.47 -20.30
CA ALA A 124 0.30 -10.83 -21.48
C ALA A 124 -1.08 -10.20 -21.43
N ASP A 125 -1.72 -10.22 -20.27
CA ASP A 125 -3.08 -9.69 -20.13
C ASP A 125 -3.10 -8.18 -20.27
N LEU A 126 -2.02 -7.51 -19.86
CA LEU A 126 -1.98 -6.06 -19.94
C LEU A 126 -1.31 -5.58 -21.22
N ASP A 127 -0.86 -6.51 -22.07
CA ASP A 127 -0.13 -6.19 -23.29
C ASP A 127 1.08 -5.31 -22.97
N LEU A 128 1.85 -5.75 -21.99
CA LEU A 128 3.07 -5.07 -21.58
C LEU A 128 4.27 -5.97 -21.80
N PRO A 129 5.47 -5.41 -22.01
CA PRO A 129 6.67 -6.24 -21.93
C PRO A 129 6.91 -6.69 -20.50
N LEU A 130 7.72 -7.74 -20.35
CA LEU A 130 7.99 -8.29 -19.04
C LEU A 130 8.66 -7.28 -18.12
N ASP A 131 9.47 -6.37 -18.67
CA ASP A 131 10.23 -5.39 -17.88
CA ASP A 131 10.21 -5.47 -17.79
C ASP A 131 9.36 -4.30 -17.27
N ARG A 132 8.05 -4.28 -17.54
CA ARG A 132 7.16 -3.31 -16.92
C ARG A 132 6.19 -3.97 -15.92
N VAL A 133 6.43 -5.23 -15.56
CA VAL A 133 5.56 -5.95 -14.63
C VAL A 133 6.44 -6.61 -13.58
N ASN A 134 6.04 -6.50 -12.32
CA ASN A 134 6.83 -7.09 -11.24
C ASN A 134 5.92 -7.76 -10.22
N VAL A 135 6.30 -8.96 -9.78
CA VAL A 135 5.56 -9.71 -8.79
C VAL A 135 6.54 -10.12 -7.70
N LYS A 136 6.26 -9.71 -6.46
CA LYS A 136 7.13 -10.03 -5.33
C LYS A 136 6.38 -10.98 -4.39
N ALA A 137 7.13 -11.80 -3.65
CA ALA A 137 6.48 -12.77 -2.79
C ALA A 137 7.27 -12.92 -1.49
N LYS A 138 6.54 -13.02 -0.39
CA LYS A 138 7.19 -13.11 0.92
CA LYS A 138 7.19 -13.11 0.91
C LYS A 138 6.23 -13.76 1.88
N THR A 139 6.77 -14.14 3.05
CA THR A 139 5.96 -14.59 4.17
C THR A 139 5.56 -13.39 5.01
N ASN A 140 4.67 -13.61 5.96
CA ASN A 140 4.37 -12.60 6.96
C ASN A 140 5.16 -12.81 8.25
N GLU A 141 6.34 -13.44 8.17
CA GLU A 141 7.23 -13.66 9.33
C GLU A 141 6.47 -14.25 10.52
N LYS A 142 5.53 -15.16 10.22
CA LYS A 142 4.79 -15.97 11.18
CA LYS A 142 4.78 -15.98 11.18
C LYS A 142 3.73 -15.21 11.95
N LEU A 143 3.42 -13.98 11.58
CA LEU A 143 2.50 -13.15 12.36
C LEU A 143 1.08 -13.21 11.80
N GLY A 144 0.09 -13.24 12.70
CA GLY A 144 -1.32 -13.08 12.35
C GLY A 144 -1.92 -14.24 11.57
N TYR A 145 -3.11 -13.98 11.03
CA TYR A 145 -3.81 -15.06 10.30
C TYR A 145 -3.04 -15.47 9.07
N LEU A 146 -2.24 -14.56 8.49
CA LEU A 146 -1.36 -14.91 7.38
C LEU A 146 -0.28 -15.88 7.85
N GLY A 147 0.34 -15.59 8.99
CA GLY A 147 1.29 -16.51 9.57
C GLY A 147 0.70 -17.86 9.90
N ARG A 148 -0.58 -17.92 10.25
CA ARG A 148 -1.24 -19.18 10.53
C ARG A 148 -1.75 -19.88 9.28
N GLY A 149 -1.53 -19.30 8.10
CA GLY A 149 -1.95 -19.92 6.85
C GLY A 149 -3.44 -19.92 6.59
N GLU A 150 -4.17 -18.95 7.12
CA GLU A 150 -5.63 -18.91 6.99
C GLU A 150 -6.09 -18.18 5.74
N GLY A 151 -5.20 -17.42 5.11
CA GLY A 151 -5.50 -16.73 3.89
C GLY A 151 -4.21 -16.27 3.25
N ILE A 152 -4.34 -15.68 2.08
CA ILE A 152 -3.22 -15.15 1.31
C ILE A 152 -3.59 -13.75 0.88
N GLU A 153 -2.67 -12.81 1.08
CA GLU A 153 -2.86 -11.40 0.77
C GLU A 153 -2.09 -11.02 -0.49
N ALA A 154 -2.62 -10.06 -1.24
CA ALA A 154 -1.86 -9.43 -2.32
C ALA A 154 -1.98 -7.92 -2.22
N GLN A 155 -0.94 -7.24 -2.70
CA GLN A 155 -0.87 -5.79 -2.77
C GLN A 155 -0.41 -5.41 -4.16
N ALA A 156 -0.80 -4.23 -4.62
CA ALA A 156 -0.41 -3.84 -5.98
C ALA A 156 -0.36 -2.34 -6.11
N ALA A 157 0.44 -1.89 -7.08
CA ALA A 157 0.56 -0.49 -7.44
C ALA A 157 0.65 -0.42 -8.96
N ALA A 158 0.06 0.62 -9.54
CA ALA A 158 0.07 0.76 -10.99
C ALA A 158 0.27 2.22 -11.36
N LEU A 159 1.10 2.46 -12.37
CA LEU A 159 1.23 3.78 -12.96
C LEU A 159 0.64 3.76 -14.37
N VAL A 160 -0.22 4.74 -14.67
CA VAL A 160 -0.79 4.89 -16.00
C VAL A 160 -0.61 6.33 -16.46
N VAL A 161 -0.94 6.59 -17.72
CA VAL A 161 -0.88 7.95 -18.22
C VAL A 161 -2.03 8.16 -19.21
N ARG A 162 -2.69 9.31 -19.10
CA ARG A 162 -3.74 9.68 -20.05
C ARG A 162 -3.11 10.29 -21.29
N GLU A 163 -3.34 9.63 -22.43
CA GLU A 163 -2.73 10.03 -23.70
C GLU A 163 -3.49 11.18 -24.37
N SER B 4 5.37 20.47 -14.42
CA SER B 4 6.71 20.09 -14.89
C SER B 4 6.83 18.57 -15.02
N MET B 5 8.03 18.07 -14.69
CA MET B 5 8.31 16.64 -14.70
C MET B 5 8.87 16.15 -13.37
N ASP B 6 8.71 16.93 -12.30
CA ASP B 6 9.23 16.56 -10.98
C ASP B 6 8.11 15.92 -10.15
N PHE B 7 7.75 14.70 -10.55
CA PHE B 7 6.71 13.94 -9.88
C PHE B 7 7.24 13.27 -8.62
N ARG B 8 6.34 13.13 -7.63
CA ARG B 8 6.61 12.41 -6.38
C ARG B 8 5.39 11.58 -6.03
N ILE B 9 5.61 10.44 -5.39
CA ILE B 9 4.51 9.60 -4.92
C ILE B 9 4.52 9.52 -3.40
N GLY B 10 3.33 9.35 -2.84
CA GLY B 10 3.17 9.16 -1.42
C GLY B 10 2.15 8.07 -1.16
N GLN B 11 2.27 7.47 0.03
CA GLN B 11 1.38 6.39 0.43
C GLN B 11 0.96 6.62 1.88
N GLY B 12 -0.24 6.18 2.21
CA GLY B 12 -0.79 6.41 3.53
C GLY B 12 -1.58 5.20 4.01
N TYR B 13 -1.60 5.04 5.32
CA TYR B 13 -2.27 3.94 5.99
C TYR B 13 -2.94 4.48 7.25
N ASP B 14 -4.07 3.89 7.62
CA ASP B 14 -4.69 4.24 8.90
C ASP B 14 -5.66 3.13 9.29
N VAL B 15 -5.91 3.02 10.58
CA VAL B 15 -6.85 2.03 11.12
C VAL B 15 -7.47 2.61 12.40
N HIS B 16 -8.73 2.27 12.63
CA HIS B 16 -9.40 2.68 13.86
C HIS B 16 -10.30 1.55 14.34
N GLN B 17 -10.45 1.45 15.66
CA GLN B 17 -11.30 0.43 16.25
C GLN B 17 -12.77 0.73 16.01
N LEU B 18 -13.55 -0.34 15.92
CA LEU B 18 -14.97 -0.29 15.57
C LEU B 18 -15.77 -0.90 16.71
N VAL B 19 -16.38 -0.07 17.54
CA VAL B 19 -17.16 -0.53 18.69
C VAL B 19 -18.40 0.33 18.83
N PRO B 20 -19.45 -0.20 19.50
CA PRO B 20 -20.65 0.60 19.72
C PRO B 20 -20.36 1.86 20.51
N GLY B 21 -21.12 2.92 20.21
CA GLY B 21 -21.01 4.15 20.96
C GLY B 21 -20.78 5.42 20.14
N ARG B 22 -20.05 5.30 19.04
CA ARG B 22 -19.63 6.43 18.21
C ARG B 22 -20.31 6.39 16.85
N PRO B 23 -20.45 7.54 16.19
CA PRO B 23 -20.96 7.53 14.82
C PRO B 23 -19.93 6.94 13.87
N LEU B 24 -20.38 6.58 12.68
CA LEU B 24 -19.49 6.07 11.63
C LEU B 24 -19.31 7.18 10.61
N ILE B 25 -18.09 7.73 10.55
CA ILE B 25 -17.76 8.78 9.59
C ILE B 25 -16.56 8.30 8.79
N ILE B 26 -16.76 8.04 7.49
CA ILE B 26 -15.69 7.64 6.60
C ILE B 26 -15.75 8.57 5.40
N GLY B 27 -14.65 9.28 5.14
CA GLY B 27 -14.59 10.20 4.02
C GLY B 27 -15.52 11.38 4.14
N GLY B 28 -15.72 11.90 5.36
CA GLY B 28 -16.65 12.98 5.60
C GLY B 28 -18.12 12.59 5.64
N VAL B 29 -18.44 11.32 5.48
CA VAL B 29 -19.81 10.85 5.30
C VAL B 29 -20.24 10.13 6.57
N THR B 30 -21.35 10.58 7.15
CA THR B 30 -21.92 9.91 8.32
C THR B 30 -22.82 8.79 7.85
N ILE B 31 -22.48 7.56 8.22
CA ILE B 31 -23.07 6.34 7.68
C ILE B 31 -23.92 5.69 8.75
N PRO B 32 -25.15 5.30 8.46
CA PRO B 32 -25.99 4.65 9.48
C PRO B 32 -25.45 3.29 9.89
N TYR B 33 -24.98 3.17 11.13
CA TYR B 33 -24.45 1.90 11.60
C TYR B 33 -24.56 1.85 13.12
N GLU B 34 -24.54 0.63 13.64
CA GLU B 34 -24.66 0.43 15.08
C GLU B 34 -23.38 0.79 15.82
N ARG B 35 -22.21 0.58 15.21
CA ARG B 35 -20.92 0.88 15.80
C ARG B 35 -20.27 2.07 15.08
N GLY B 36 -19.16 2.55 15.65
CA GLY B 36 -18.45 3.68 15.09
C GLY B 36 -16.97 3.60 15.37
N LEU B 37 -16.21 4.54 14.79
CA LEU B 37 -14.75 4.51 14.82
C LEU B 37 -14.20 5.32 15.99
N LEU B 38 -13.31 4.69 16.77
CA LEU B 38 -12.75 5.28 17.98
C LEU B 38 -11.48 6.06 17.64
N GLY B 39 -11.49 7.35 17.95
CA GLY B 39 -10.32 8.17 17.70
C GLY B 39 -10.38 9.46 18.50
N HIS B 40 -9.43 10.36 18.18
CA HIS B 40 -9.35 11.64 18.88
C HIS B 40 -10.53 12.54 18.51
N SER B 41 -10.92 12.57 17.23
CA SER B 41 -11.98 13.45 16.76
C SER B 41 -13.03 12.57 16.09
N ASP B 42 -13.32 12.81 14.81
CA ASP B 42 -14.25 11.94 14.08
C ASP B 42 -13.62 10.60 13.77
N ALA B 43 -12.29 10.49 13.84
CA ALA B 43 -11.57 9.27 13.50
C ALA B 43 -11.86 8.83 12.06
N ASP B 44 -11.86 9.79 11.13
CA ASP B 44 -12.13 9.50 9.73
C ASP B 44 -10.93 8.78 9.12
N VAL B 45 -10.94 7.45 9.18
CA VAL B 45 -9.78 6.65 8.78
C VAL B 45 -9.37 6.96 7.34
N LEU B 46 -10.35 7.20 6.45
CA LEU B 46 -10.03 7.41 5.04
C LEU B 46 -9.31 8.73 4.83
N LEU B 47 -9.80 9.81 5.45
CA LEU B 47 -9.16 11.11 5.25
C LEU B 47 -7.78 11.14 5.90
N HIS B 48 -7.60 10.43 7.02
CA HIS B 48 -6.27 10.35 7.65
C HIS B 48 -5.26 9.69 6.71
N ALA B 49 -5.65 8.59 6.07
CA ALA B 49 -4.73 7.91 5.17
C ALA B 49 -4.36 8.79 3.98
N ILE B 50 -5.37 9.45 3.39
CA ILE B 50 -5.13 10.37 2.28
C ILE B 50 -4.24 11.52 2.73
N THR B 51 -4.51 12.10 3.91
CA THR B 51 -3.66 13.17 4.41
C THR B 51 -2.21 12.71 4.53
N ASP B 52 -1.99 11.51 5.07
CA ASP B 52 -0.63 11.00 5.23
C ASP B 52 0.03 10.77 3.88
N ALA B 53 -0.73 10.28 2.90
CA ALA B 53 -0.17 10.08 1.56
C ALA B 53 0.28 11.40 0.94
N LEU B 54 -0.49 12.47 1.16
CA LEU B 54 -0.14 13.79 0.63
C LEU B 54 1.11 14.36 1.28
N PHE B 55 1.17 14.34 2.61
CA PHE B 55 2.40 14.76 3.31
C PHE B 55 3.59 13.92 2.87
N GLY B 56 3.37 12.63 2.66
CA GLY B 56 4.48 11.77 2.26
C GLY B 56 5.01 12.14 0.89
N ALA B 57 4.12 12.40 -0.07
CA ALA B 57 4.53 12.76 -1.42
C ALA B 57 5.34 14.06 -1.43
N ALA B 58 5.00 15.00 -0.55
CA ALA B 58 5.72 16.25 -0.43
C ALA B 58 6.94 16.16 0.48
N ALA B 59 7.21 14.98 1.07
CA ALA B 59 8.29 14.80 2.05
C ALA B 59 8.19 15.82 3.18
N LEU B 60 6.99 15.94 3.74
CA LEU B 60 6.69 16.88 4.80
C LEU B 60 6.37 16.20 6.12
N GLY B 61 6.76 14.94 6.30
CA GLY B 61 6.52 14.24 7.55
C GLY B 61 5.22 13.47 7.50
N ASP B 62 4.41 13.60 8.55
CA ASP B 62 3.16 12.84 8.61
C ASP B 62 2.10 13.65 9.34
N ILE B 63 0.90 13.06 9.40
CA ILE B 63 -0.25 13.72 10.01
C ILE B 63 0.01 14.01 11.48
N GLY B 64 0.74 13.14 12.16
CA GLY B 64 1.02 13.36 13.58
C GLY B 64 1.89 14.59 13.83
N ARG B 65 2.87 14.83 12.97
CA ARG B 65 3.78 15.95 13.19
C ARG B 65 3.20 17.29 12.75
N HIS B 66 2.18 17.29 11.88
CA HIS B 66 1.56 18.55 11.50
C HIS B 66 0.40 18.93 12.41
N PHE B 67 -0.41 17.97 12.82
CA PHE B 67 -1.65 18.21 13.56
C PHE B 67 -1.58 17.37 14.84
N SER B 68 -0.92 17.88 15.86
CA SER B 68 -0.89 17.20 17.14
C SER B 68 -2.27 17.25 17.80
N ASP B 69 -2.61 16.17 18.51
CA ASP B 69 -3.82 16.19 19.32
C ASP B 69 -3.72 17.25 20.42
N THR B 70 -2.51 17.51 20.92
CA THR B 70 -2.36 18.51 21.97
C THR B 70 -2.51 19.94 21.45
N ASP B 71 -2.12 20.17 20.20
CA ASP B 71 -2.04 21.52 19.65
C ASP B 71 -3.38 22.24 19.79
N PRO B 72 -3.40 23.47 20.33
CA PRO B 72 -4.66 24.20 20.44
C PRO B 72 -5.26 24.60 19.09
N ARG B 73 -4.43 24.92 18.09
CA ARG B 73 -4.94 25.37 16.81
C ARG B 73 -5.80 24.33 16.10
N PHE B 74 -5.64 23.06 16.45
CA PHE B 74 -6.40 21.96 15.85
C PHE B 74 -7.18 21.17 16.90
N LYS B 75 -7.44 21.78 18.06
CA LYS B 75 -8.30 21.14 19.05
C LYS B 75 -9.70 20.99 18.48
N GLY B 76 -10.17 19.75 18.38
CA GLY B 76 -11.51 19.50 17.92
C GLY B 76 -11.77 19.77 16.45
N ALA B 77 -10.76 20.13 15.67
CA ALA B 77 -10.93 20.19 14.22
C ALA B 77 -11.32 18.81 13.70
N ASP B 78 -12.08 18.79 12.61
CA ASP B 78 -12.47 17.53 12.02
C ASP B 78 -11.56 17.22 10.82
N SER B 79 -11.59 15.96 10.39
CA SER B 79 -10.56 15.48 9.47
C SER B 79 -10.64 16.14 8.10
N ARG B 80 -11.80 16.67 7.70
CA ARG B 80 -11.87 17.43 6.46
C ARG B 80 -11.11 18.75 6.57
N ALA B 81 -11.20 19.42 7.72
CA ALA B 81 -10.40 20.63 7.93
C ALA B 81 -8.92 20.31 7.93
N LEU B 82 -8.52 19.23 8.59
CA LEU B 82 -7.13 18.78 8.53
C LEU B 82 -6.70 18.51 7.10
N LEU B 83 -7.57 17.87 6.30
CA LEU B 83 -7.22 17.57 4.92
C LEU B 83 -6.99 18.84 4.12
N ARG B 84 -7.86 19.84 4.30
CA ARG B 84 -7.68 21.11 3.58
C ARG B 84 -6.40 21.82 4.03
N GLU B 85 -6.09 21.81 5.32
CA GLU B 85 -4.83 22.41 5.76
C GLU B 85 -3.63 21.63 5.24
N CYS B 86 -3.76 20.30 5.15
CA CYS B 86 -2.72 19.50 4.51
C CYS B 86 -2.45 19.96 3.09
N ALA B 87 -3.51 20.19 2.32
CA ALA B 87 -3.33 20.57 0.92
C ALA B 87 -2.69 21.95 0.78
N SER B 88 -3.00 22.87 1.70
CA SER B 88 -2.40 24.20 1.64
C SER B 88 -0.88 24.11 1.83
N ARG B 89 -0.44 23.30 2.80
CA ARG B 89 0.98 23.10 3.03
C ARG B 89 1.65 22.43 1.84
N VAL B 90 0.97 21.45 1.23
CA VAL B 90 1.52 20.79 0.06
C VAL B 90 1.75 21.80 -1.06
N ALA B 91 0.79 22.71 -1.26
CA ALA B 91 0.94 23.74 -2.29
C ALA B 91 2.10 24.68 -1.97
N GLN B 92 2.20 25.13 -0.72
CA GLN B 92 3.26 26.09 -0.38
C GLN B 92 4.64 25.47 -0.51
N ALA B 93 4.77 24.15 -0.39
CA ALA B 93 6.04 23.50 -0.69
C ALA B 93 6.31 23.41 -2.18
N GLY B 94 5.36 23.83 -3.03
CA GLY B 94 5.57 23.87 -4.46
C GLY B 94 4.94 22.76 -5.27
N PHE B 95 4.10 21.91 -4.66
CA PHE B 95 3.54 20.75 -5.35
C PHE B 95 2.07 20.95 -5.67
N ALA B 96 1.65 20.45 -6.83
CA ALA B 96 0.26 20.33 -7.21
C ALA B 96 -0.13 18.86 -7.14
N ILE B 97 -1.36 18.59 -6.72
CA ILE B 97 -1.82 17.21 -6.60
C ILE B 97 -2.36 16.74 -7.94
N ARG B 98 -1.88 15.58 -8.40
CA ARG B 98 -2.32 15.06 -9.68
C ARG B 98 -3.47 14.05 -9.54
N ASN B 99 -3.42 13.15 -8.57
CA ASN B 99 -4.53 12.23 -8.36
C ASN B 99 -4.37 11.58 -6.99
N VAL B 100 -5.49 11.10 -6.46
CA VAL B 100 -5.55 10.32 -5.23
C VAL B 100 -6.33 9.05 -5.50
N ASP B 101 -5.83 7.93 -4.99
CA ASP B 101 -6.55 6.65 -5.01
C ASP B 101 -6.53 6.07 -3.60
N SER B 102 -7.53 5.25 -3.27
CA SER B 102 -7.63 4.77 -1.89
C SER B 102 -8.49 3.52 -1.82
N THR B 103 -8.34 2.79 -0.72
CA THR B 103 -9.15 1.60 -0.44
C THR B 103 -9.59 1.63 1.02
N ILE B 104 -10.87 1.39 1.25
CA ILE B 104 -11.40 1.16 2.58
C ILE B 104 -11.60 -0.34 2.75
N ILE B 105 -11.15 -0.88 3.88
CA ILE B 105 -11.35 -2.29 4.19
C ILE B 105 -12.26 -2.36 5.41
N ALA B 106 -13.46 -2.89 5.23
CA ALA B 106 -14.40 -2.99 6.34
C ALA B 106 -15.35 -4.15 6.08
N GLN B 107 -15.63 -4.94 7.12
CA GLN B 107 -16.48 -6.10 6.92
C GLN B 107 -17.94 -5.68 6.74
N ALA B 108 -18.32 -4.56 7.34
CA ALA B 108 -19.66 -3.98 7.21
C ALA B 108 -19.59 -2.55 7.74
N PRO B 109 -20.57 -1.70 7.39
CA PRO B 109 -21.70 -1.87 6.49
C PRO B 109 -21.25 -1.77 5.04
N LYS B 110 -22.18 -1.92 4.10
CA LYS B 110 -21.85 -1.71 2.69
C LYS B 110 -21.56 -0.23 2.45
N LEU B 111 -20.39 0.07 1.89
CA LEU B 111 -19.95 1.44 1.66
C LEU B 111 -20.16 1.89 0.22
N ALA B 112 -20.40 0.97 -0.70
CA ALA B 112 -20.60 1.35 -2.11
C ALA B 112 -21.63 2.46 -2.30
N PRO B 113 -22.74 2.54 -1.56
CA PRO B 113 -23.69 3.66 -1.78
C PRO B 113 -23.11 5.03 -1.47
N HIS B 114 -22.01 5.11 -0.71
CA HIS B 114 -21.48 6.39 -0.25
C HIS B 114 -20.19 6.79 -0.93
N ILE B 115 -19.73 6.02 -1.92
CA ILE B 115 -18.42 6.27 -2.54
C ILE B 115 -18.39 7.64 -3.21
N ASP B 116 -19.43 7.95 -3.99
CA ASP B 116 -19.43 9.23 -4.71
C ASP B 116 -19.50 10.41 -3.74
N ALA B 117 -20.22 10.26 -2.63
CA ALA B 117 -20.21 11.31 -1.61
C ALA B 117 -18.81 11.51 -1.04
N MET B 118 -18.10 10.41 -0.75
CA MET B 118 -16.74 10.54 -0.23
C MET B 118 -15.82 11.20 -1.27
N ARG B 119 -15.90 10.73 -2.52
CA ARG B 119 -15.08 11.30 -3.59
C ARG B 119 -15.33 12.79 -3.75
N ALA B 120 -16.60 13.21 -3.63
CA ALA B 120 -16.94 14.63 -3.74
C ALA B 120 -16.36 15.44 -2.59
N ASN B 121 -16.46 14.93 -1.37
CA ASN B 121 -15.85 15.64 -0.23
C ASN B 121 -14.35 15.78 -0.41
N ILE B 122 -13.68 14.70 -0.82
CA ILE B 122 -12.22 14.72 -0.95
C ILE B 122 -11.80 15.66 -2.08
N ALA B 123 -12.50 15.58 -3.23
CA ALA B 123 -12.15 16.44 -4.36
C ALA B 123 -12.39 17.91 -4.04
N ALA B 124 -13.47 18.20 -3.31
CA ALA B 124 -13.69 19.57 -2.85
C ALA B 124 -12.55 20.02 -1.95
N ASP B 125 -12.21 19.20 -0.95
CA ASP B 125 -11.19 19.56 0.01
C ASP B 125 -9.82 19.76 -0.65
N LEU B 126 -9.52 19.00 -1.70
CA LEU B 126 -8.23 19.10 -2.38
C LEU B 126 -8.25 20.04 -3.57
N ASP B 127 -9.42 20.59 -3.94
CA ASP B 127 -9.59 21.43 -5.12
C ASP B 127 -9.17 20.67 -6.39
N LEU B 128 -9.67 19.45 -6.51
CA LEU B 128 -9.36 18.57 -7.62
C LEU B 128 -10.62 18.26 -8.44
N PRO B 129 -10.49 18.07 -9.76
CA PRO B 129 -11.60 17.50 -10.53
C PRO B 129 -11.96 16.13 -9.98
N LEU B 130 -13.25 15.80 -10.08
CA LEU B 130 -13.76 14.55 -9.55
C LEU B 130 -13.05 13.33 -10.15
N ASP B 131 -12.64 13.41 -11.42
CA ASP B 131 -12.04 12.24 -12.04
C ASP B 131 -10.55 12.06 -11.70
N ARG B 132 -10.04 12.79 -10.70
CA ARG B 132 -8.69 12.58 -10.17
C ARG B 132 -8.72 12.06 -8.74
N VAL B 133 -9.90 11.68 -8.24
CA VAL B 133 -10.08 11.17 -6.89
C VAL B 133 -10.81 9.84 -6.99
N ASN B 134 -10.28 8.82 -6.32
CA ASN B 134 -10.90 7.50 -6.36
C ASN B 134 -10.94 6.88 -4.97
N VAL B 135 -12.05 6.21 -4.67
CA VAL B 135 -12.22 5.47 -3.42
C VAL B 135 -12.74 4.08 -3.74
N LYS B 136 -12.10 3.06 -3.18
CA LYS B 136 -12.52 1.67 -3.35
C LYS B 136 -12.85 1.09 -1.97
N ALA B 137 -13.71 0.08 -1.95
CA ALA B 137 -14.11 -0.49 -0.66
C ALA B 137 -14.38 -1.99 -0.81
N LYS B 138 -13.94 -2.77 0.19
CA LYS B 138 -14.08 -4.22 0.14
C LYS B 138 -14.00 -4.77 1.56
N THR B 139 -14.45 -6.01 1.73
CA THR B 139 -14.36 -6.67 3.03
C THR B 139 -12.98 -7.30 3.19
N ASN B 140 -12.71 -7.84 4.40
CA ASN B 140 -11.50 -8.61 4.62
C ASN B 140 -11.75 -10.12 4.65
N GLU B 141 -12.84 -10.56 4.01
CA GLU B 141 -13.15 -11.99 3.89
C GLU B 141 -13.18 -12.68 5.26
N LYS B 142 -13.66 -11.94 6.27
CA LYS B 142 -13.86 -12.46 7.61
C LYS B 142 -12.55 -12.88 8.29
N LEU B 143 -11.43 -12.33 7.84
CA LEU B 143 -10.13 -12.64 8.41
C LEU B 143 -9.66 -11.48 9.30
N GLY B 144 -9.12 -11.82 10.46
CA GLY B 144 -8.48 -10.84 11.31
C GLY B 144 -9.48 -9.97 12.07
N TYR B 145 -8.93 -8.96 12.74
CA TYR B 145 -9.77 -8.00 13.45
C TYR B 145 -10.61 -7.17 12.48
N LEU B 146 -10.14 -6.99 11.24
CA LEU B 146 -10.97 -6.33 10.24
C LEU B 146 -12.14 -7.22 9.84
N GLY B 147 -11.86 -8.49 9.57
CA GLY B 147 -12.91 -9.42 9.18
C GLY B 147 -13.92 -9.70 10.27
N ARG B 148 -13.53 -9.54 11.54
CA ARG B 148 -14.48 -9.67 12.63
C ARG B 148 -15.20 -8.37 12.94
N GLY B 149 -14.96 -7.31 12.17
CA GLY B 149 -15.64 -6.05 12.42
C GLY B 149 -15.17 -5.30 13.65
N GLU B 150 -13.93 -5.52 14.09
CA GLU B 150 -13.41 -4.82 15.26
C GLU B 150 -12.73 -3.50 14.89
N GLY B 151 -12.48 -3.28 13.60
CA GLY B 151 -11.90 -2.03 13.14
C GLY B 151 -12.12 -1.88 11.65
N ILE B 152 -11.74 -0.71 11.14
CA ILE B 152 -11.77 -0.41 9.72
C ILE B 152 -10.42 0.19 9.34
N GLU B 153 -9.85 -0.27 8.24
CA GLU B 153 -8.58 0.20 7.72
C GLU B 153 -8.81 0.99 6.45
N ALA B 154 -7.92 1.96 6.19
CA ALA B 154 -7.88 2.67 4.92
C ALA B 154 -6.45 2.73 4.40
N GLN B 155 -6.29 2.63 3.09
CA GLN B 155 -5.01 2.81 2.43
C GLN B 155 -5.16 3.90 1.39
N ALA B 156 -4.12 4.70 1.17
CA ALA B 156 -4.18 5.74 0.14
C ALA B 156 -2.84 5.83 -0.60
N ALA B 157 -2.94 6.26 -1.86
CA ALA B 157 -1.78 6.62 -2.68
C ALA B 157 -2.04 7.99 -3.30
N ALA B 158 -0.99 8.79 -3.41
CA ALA B 158 -1.11 10.13 -3.97
C ALA B 158 0.05 10.42 -4.92
N LEU B 159 -0.26 11.07 -6.05
CA LEU B 159 0.75 11.54 -6.98
C LEU B 159 0.70 13.06 -7.04
N VAL B 160 1.88 13.69 -6.90
CA VAL B 160 2.02 15.14 -6.96
C VAL B 160 3.15 15.46 -7.93
N VAL B 161 3.28 16.74 -8.26
CA VAL B 161 4.35 17.20 -9.13
C VAL B 161 4.75 18.60 -8.67
N ARG B 162 6.05 18.87 -8.70
CA ARG B 162 6.56 20.18 -8.30
C ARG B 162 6.23 21.20 -9.37
N GLU B 163 5.38 22.17 -9.04
CA GLU B 163 5.04 23.27 -9.95
C GLU B 163 5.11 24.61 -9.25
N SER C 4 13.84 11.88 -17.76
CA SER C 4 12.93 11.92 -18.89
C SER C 4 11.49 11.74 -18.44
N MET C 5 10.77 10.80 -19.08
CA MET C 5 9.37 10.57 -18.80
C MET C 5 9.00 9.09 -18.67
N ASP C 6 9.98 8.19 -18.59
CA ASP C 6 9.70 6.77 -18.34
C ASP C 6 9.71 6.48 -16.84
N PHE C 7 8.67 6.98 -16.18
CA PHE C 7 8.50 6.77 -14.74
C PHE C 7 7.92 5.39 -14.44
N ARG C 8 8.27 4.86 -13.26
CA ARG C 8 7.77 3.59 -12.76
C ARG C 8 7.48 3.72 -11.27
N ILE C 9 6.47 2.99 -10.78
CA ILE C 9 6.27 2.98 -9.33
C ILE C 9 6.50 1.59 -8.76
N GLY C 10 6.90 1.56 -7.51
CA GLY C 10 7.04 0.31 -6.78
C GLY C 10 6.50 0.47 -5.39
N GLN C 11 6.08 -0.65 -4.82
CA GLN C 11 5.52 -0.66 -3.48
C GLN C 11 6.18 -1.77 -2.69
N GLY C 12 6.40 -1.54 -1.40
CA GLY C 12 7.04 -2.53 -0.56
C GLY C 12 6.33 -2.64 0.77
N TYR C 13 6.46 -3.82 1.37
CA TYR C 13 5.81 -4.13 2.63
C TYR C 13 6.71 -5.10 3.39
N ASP C 14 6.86 -4.88 4.70
CA ASP C 14 7.53 -5.88 5.53
C ASP C 14 7.00 -5.85 6.96
N VAL C 15 7.24 -6.94 7.66
CA VAL C 15 6.92 -7.02 9.09
C VAL C 15 7.92 -7.95 9.74
N HIS C 16 8.32 -7.62 10.97
CA HIS C 16 9.19 -8.50 11.72
C HIS C 16 8.70 -8.62 13.15
N GLN C 17 8.95 -9.76 13.77
CA GLN C 17 8.61 -9.97 15.18
C GLN C 17 9.56 -9.19 16.08
N LEU C 18 9.02 -8.71 17.19
CA LEU C 18 9.79 -8.08 18.27
C LEU C 18 10.09 -9.13 19.32
N VAL C 19 11.36 -9.30 19.66
CA VAL C 19 11.80 -10.38 20.54
C VAL C 19 12.83 -9.84 21.52
N PRO C 20 12.99 -10.48 22.68
CA PRO C 20 13.98 -10.01 23.66
C PRO C 20 15.41 -10.30 23.21
N GLY C 21 16.33 -9.50 23.74
CA GLY C 21 17.75 -9.72 23.54
C GLY C 21 18.34 -9.16 22.26
N ARG C 22 17.50 -8.68 21.32
CA ARG C 22 17.96 -8.06 20.09
C ARG C 22 17.81 -6.54 20.17
N PRO C 23 18.71 -5.77 19.56
CA PRO C 23 18.53 -4.31 19.55
C PRO C 23 17.43 -3.93 18.57
N LEU C 24 16.79 -2.79 18.83
CA LEU C 24 15.74 -2.29 17.96
C LEU C 24 16.37 -1.28 17.00
N ILE C 25 16.48 -1.68 15.73
CA ILE C 25 17.10 -0.86 14.69
C ILE C 25 16.08 -0.66 13.58
N ILE C 26 15.64 0.59 13.40
CA ILE C 26 14.66 0.94 12.36
C ILE C 26 15.22 2.11 11.57
N GLY C 27 15.25 1.97 10.25
CA GLY C 27 15.88 2.97 9.41
C GLY C 27 17.32 3.25 9.78
N GLY C 28 18.06 2.22 10.22
CA GLY C 28 19.43 2.40 10.64
C GLY C 28 19.62 3.08 11.98
N VAL C 29 18.54 3.45 12.67
CA VAL C 29 18.62 4.13 13.97
C VAL C 29 18.44 3.09 15.06
N THR C 30 19.40 3.02 15.98
CA THR C 30 19.25 2.21 17.17
C THR C 30 18.42 2.96 18.20
N ILE C 31 17.30 2.36 18.60
CA ILE C 31 16.31 2.98 19.45
C ILE C 31 16.28 2.21 20.77
N PRO C 32 16.48 2.86 21.92
CA PRO C 32 16.45 2.11 23.18
C PRO C 32 15.09 1.48 23.38
N TYR C 33 15.09 0.22 23.78
CA TYR C 33 13.85 -0.56 23.89
C TYR C 33 14.17 -1.95 24.40
N GLU C 34 13.24 -2.54 25.16
CA GLU C 34 13.45 -3.83 25.78
C GLU C 34 13.52 -4.97 24.77
N ARG C 35 12.99 -4.78 23.57
CA ARG C 35 12.98 -5.81 22.56
C ARG C 35 13.52 -5.25 21.25
N GLY C 36 13.81 -6.16 20.31
CA GLY C 36 14.28 -5.79 19.00
C GLY C 36 13.70 -6.71 17.95
N LEU C 37 13.98 -6.37 16.69
CA LEU C 37 13.37 -7.09 15.58
C LEU C 37 14.16 -8.35 15.22
N LEU C 38 13.42 -9.43 14.99
CA LEU C 38 14.00 -10.73 14.63
C LEU C 38 14.09 -10.86 13.11
N GLY C 39 15.19 -11.42 12.63
CA GLY C 39 15.33 -11.68 11.22
C GLY C 39 16.65 -12.34 10.93
N HIS C 40 16.74 -12.92 9.73
CA HIS C 40 18.01 -13.48 9.28
C HIS C 40 19.05 -12.37 9.11
N SER C 41 18.63 -11.22 8.60
CA SER C 41 19.44 -10.00 8.53
C SER C 41 19.50 -9.36 9.91
N ASP C 42 19.82 -8.06 9.99
CA ASP C 42 19.55 -7.31 11.20
C ASP C 42 18.08 -6.87 11.30
N ALA C 43 17.26 -7.23 10.32
CA ALA C 43 15.81 -7.11 10.43
C ALA C 43 15.36 -5.64 10.53
N ASP C 44 16.04 -4.75 9.84
CA ASP C 44 15.53 -3.39 9.73
C ASP C 44 14.31 -3.41 8.81
N VAL C 45 13.11 -3.52 9.40
CA VAL C 45 11.87 -3.70 8.64
C VAL C 45 11.59 -2.52 7.72
N LEU C 46 11.95 -1.31 8.15
CA LEU C 46 11.76 -0.13 7.30
C LEU C 46 12.65 -0.20 6.07
N LEU C 47 13.93 -0.55 6.24
CA LEU C 47 14.80 -0.60 5.07
C LEU C 47 14.40 -1.73 4.13
N HIS C 48 13.88 -2.84 4.68
CA HIS C 48 13.43 -3.96 3.83
C HIS C 48 12.25 -3.56 2.96
N ALA C 49 11.32 -2.79 3.51
CA ALA C 49 10.15 -2.34 2.74
C ALA C 49 10.57 -1.40 1.63
N ILE C 50 11.49 -0.48 1.92
CA ILE C 50 11.99 0.44 0.92
C ILE C 50 12.78 -0.30 -0.16
N THR C 51 13.60 -1.27 0.25
CA THR C 51 14.34 -2.11 -0.68
C THR C 51 13.41 -2.82 -1.65
N ASP C 52 12.34 -3.42 -1.13
CA ASP C 52 11.40 -4.13 -1.98
C ASP C 52 10.70 -3.16 -2.94
N ALA C 53 10.34 -1.97 -2.45
CA ALA C 53 9.68 -0.99 -3.31
C ALA C 53 10.60 -0.55 -4.45
N LEU C 54 11.90 -0.44 -4.18
CA LEU C 54 12.85 -0.05 -5.22
C LEU C 54 13.08 -1.18 -6.23
N PHE C 55 13.20 -2.42 -5.75
CA PHE C 55 13.25 -3.55 -6.68
C PHE C 55 11.97 -3.65 -7.51
N GLY C 56 10.82 -3.37 -6.90
CA GLY C 56 9.56 -3.44 -7.62
C GLY C 56 9.45 -2.38 -8.69
N ALA C 57 9.85 -1.14 -8.36
CA ALA C 57 9.78 -0.06 -9.34
C ALA C 57 10.68 -0.31 -10.55
N ALA C 58 11.86 -0.90 -10.32
CA ALA C 58 12.74 -1.27 -11.43
C ALA C 58 12.40 -2.62 -12.03
N ALA C 59 11.34 -3.28 -11.54
CA ALA C 59 10.95 -4.61 -11.99
C ALA C 59 12.12 -5.58 -11.93
N LEU C 60 12.86 -5.54 -10.82
CA LEU C 60 13.99 -6.44 -10.64
C LEU C 60 13.66 -7.64 -9.75
N GLY C 61 12.39 -7.88 -9.46
CA GLY C 61 12.02 -8.98 -8.57
C GLY C 61 11.83 -8.49 -7.14
N ASP C 62 12.43 -9.19 -6.17
CA ASP C 62 12.22 -8.83 -4.77
C ASP C 62 13.46 -9.12 -3.92
N ILE C 63 13.35 -8.75 -2.65
CA ILE C 63 14.47 -8.84 -1.73
C ILE C 63 14.87 -10.30 -1.50
N GLY C 64 13.89 -11.22 -1.48
CA GLY C 64 14.19 -12.62 -1.27
C GLY C 64 15.01 -13.23 -2.39
N ARG C 65 14.75 -12.79 -3.62
CA ARG C 65 15.51 -13.25 -4.78
C ARG C 65 16.87 -12.57 -4.89
N HIS C 66 17.04 -11.37 -4.34
CA HIS C 66 18.31 -10.69 -4.44
C HIS C 66 19.24 -11.06 -3.28
N PHE C 67 18.70 -11.22 -2.07
CA PHE C 67 19.50 -11.50 -0.89
C PHE C 67 18.84 -12.65 -0.14
N SER C 68 19.21 -13.88 -0.50
CA SER C 68 18.60 -15.11 0.06
C SER C 68 18.45 -15.06 1.58
N PHE C 74 26.96 -11.58 1.33
CA PHE C 74 25.83 -10.87 1.95
C PHE C 74 25.45 -11.49 3.29
N LYS C 75 26.17 -12.53 3.69
CA LYS C 75 26.00 -13.08 5.02
C LYS C 75 26.62 -12.13 6.03
N GLY C 76 25.88 -11.81 7.10
CA GLY C 76 26.35 -10.87 8.09
C GLY C 76 26.21 -9.41 7.73
N ALA C 77 25.74 -9.08 6.53
CA ALA C 77 25.58 -7.69 6.15
C ALA C 77 24.36 -7.08 6.85
N ASP C 78 24.45 -5.78 7.12
CA ASP C 78 23.32 -5.06 7.72
C ASP C 78 22.42 -4.50 6.63
N SER C 79 21.24 -4.03 7.05
CA SER C 79 20.22 -3.69 6.09
C SER C 79 20.58 -2.44 5.28
N ARG C 80 21.49 -1.61 5.80
CA ARG C 80 21.90 -0.44 5.04
C ARG C 80 22.83 -0.85 3.89
N ALA C 81 23.73 -1.80 4.13
CA ALA C 81 24.55 -2.31 3.03
C ALA C 81 23.67 -2.94 1.96
N LEU C 82 22.60 -3.63 2.37
CA LEU C 82 21.69 -4.24 1.41
C LEU C 82 20.88 -3.19 0.66
N LEU C 83 20.50 -2.11 1.35
CA LEU C 83 19.82 -1.02 0.67
C LEU C 83 20.75 -0.33 -0.32
N ARG C 84 22.02 -0.13 0.06
CA ARG C 84 23.00 0.44 -0.87
C ARG C 84 23.15 -0.45 -2.10
N GLU C 85 23.26 -1.76 -1.88
CA GLU C 85 23.35 -2.70 -2.99
C GLU C 85 22.07 -2.71 -3.84
N CYS C 86 20.91 -2.66 -3.18
CA CYS C 86 19.66 -2.47 -3.92
C CYS C 86 19.75 -1.26 -4.85
N ALA C 87 20.12 -0.09 -4.30
CA ALA C 87 20.22 1.11 -5.11
C ALA C 87 21.20 0.96 -6.25
N SER C 88 22.29 0.21 -6.02
CA SER C 88 23.25 -0.08 -7.09
C SER C 88 22.60 -0.88 -8.22
N ARG C 89 21.81 -1.89 -7.88
CA ARG C 89 21.18 -2.72 -8.91
C ARG C 89 20.10 -1.95 -9.65
N VAL C 90 19.39 -1.04 -8.96
CA VAL C 90 18.42 -0.19 -9.65
C VAL C 90 19.13 0.70 -10.66
N ALA C 91 20.27 1.27 -10.27
CA ALA C 91 21.04 2.07 -11.22
C ALA C 91 21.58 1.21 -12.35
N GLN C 92 21.98 -0.03 -12.02
CA GLN C 92 22.51 -0.96 -13.01
C GLN C 92 21.48 -1.26 -14.11
N ALA C 93 20.20 -1.24 -13.75
CA ALA C 93 19.14 -1.44 -14.73
C ALA C 93 18.82 -0.18 -15.51
N GLY C 94 19.47 0.95 -15.19
CA GLY C 94 19.25 2.18 -15.90
C GLY C 94 18.25 3.13 -15.26
N PHE C 95 17.89 2.93 -14.00
CA PHE C 95 16.88 3.77 -13.35
C PHE C 95 17.53 4.76 -12.41
N ALA C 96 16.91 5.94 -12.30
CA ALA C 96 17.24 6.92 -11.28
C ALA C 96 16.08 7.00 -10.29
N ILE C 97 16.39 7.12 -9.01
CA ILE C 97 15.36 7.21 -7.98
C ILE C 97 14.86 8.64 -7.89
N ARG C 98 13.54 8.83 -7.90
CA ARG C 98 13.01 10.18 -7.78
C ARG C 98 12.53 10.51 -6.37
N ASN C 99 11.83 9.59 -5.70
CA ASN C 99 11.49 9.83 -4.30
C ASN C 99 11.07 8.52 -3.64
N VAL C 100 11.09 8.54 -2.32
CA VAL C 100 10.71 7.41 -1.48
C VAL C 100 9.80 7.94 -0.39
N ASP C 101 8.74 7.20 -0.10
CA ASP C 101 7.84 7.52 1.00
C ASP C 101 7.59 6.24 1.76
N SER C 102 7.29 6.35 3.05
CA SER C 102 7.17 5.15 3.86
C SER C 102 6.37 5.42 5.12
N THR C 103 5.89 4.33 5.71
CA THR C 103 5.21 4.35 7.00
C THR C 103 5.73 3.22 7.87
N ILE C 104 5.93 3.52 9.15
CA ILE C 104 6.23 2.52 10.18
C ILE C 104 4.99 2.35 11.03
N ILE C 105 4.61 1.11 11.32
CA ILE C 105 3.49 0.83 12.21
C ILE C 105 4.03 0.09 13.42
N ALA C 106 3.96 0.74 14.58
CA ALA C 106 4.47 0.16 15.82
C ALA C 106 3.70 0.74 16.99
N GLN C 107 3.20 -0.13 17.87
CA GLN C 107 2.50 0.35 19.04
C GLN C 107 3.45 1.04 20.01
N ALA C 108 4.71 0.63 20.01
CA ALA C 108 5.74 1.15 20.89
C ALA C 108 7.09 0.72 20.34
N PRO C 109 8.17 1.47 20.61
CA PRO C 109 8.23 2.69 21.40
C PRO C 109 7.87 3.91 20.56
N LYS C 110 7.97 5.09 21.13
CA LYS C 110 7.72 6.30 20.37
C LYS C 110 8.83 6.50 19.34
N LEU C 111 8.44 6.78 18.11
CA LEU C 111 9.41 6.89 17.03
C LEU C 111 9.61 8.32 16.56
N ALA C 112 8.69 9.24 16.87
CA ALA C 112 8.79 10.62 16.44
C ALA C 112 10.18 11.24 16.63
N PRO C 113 10.90 11.04 17.74
CA PRO C 113 12.23 11.65 17.87
C PRO C 113 13.28 11.07 16.94
N HIS C 114 13.02 9.93 16.31
CA HIS C 114 14.03 9.25 15.50
C HIS C 114 13.79 9.39 14.00
N ILE C 115 12.68 10.01 13.60
CA ILE C 115 12.26 10.03 12.20
C ILE C 115 13.28 10.75 11.34
N ASP C 116 13.70 11.94 11.76
CA ASP C 116 14.64 12.73 10.98
C ASP C 116 15.96 12.01 10.79
N ALA C 117 16.41 11.24 11.78
CA ALA C 117 17.64 10.46 11.61
C ALA C 117 17.45 9.34 10.58
N MET C 118 16.32 8.62 10.65
CA MET C 118 16.05 7.57 9.66
C MET C 118 16.08 8.15 8.26
N ARG C 119 15.37 9.26 8.06
CA ARG C 119 15.33 9.94 6.77
C ARG C 119 16.74 10.30 6.30
N ALA C 120 17.56 10.84 7.19
CA ALA C 120 18.94 11.17 6.83
C ALA C 120 19.72 9.91 6.41
N ASN C 121 19.57 8.82 7.16
CA ASN C 121 20.24 7.57 6.81
C ASN C 121 19.84 7.07 5.42
N ILE C 122 18.54 7.08 5.13
CA ILE C 122 18.05 6.55 3.86
C ILE C 122 18.54 7.42 2.70
N ALA C 123 18.49 8.74 2.87
CA ALA C 123 18.96 9.65 1.83
C ALA C 123 20.43 9.41 1.50
N ALA C 124 21.27 9.24 2.53
CA ALA C 124 22.69 8.96 2.29
C ALA C 124 22.88 7.62 1.60
N ASP C 125 22.15 6.59 2.03
CA ASP C 125 22.27 5.27 1.40
C ASP C 125 21.81 5.27 -0.05
N LEU C 126 20.84 6.12 -0.39
CA LEU C 126 20.32 6.16 -1.75
C LEU C 126 20.90 7.30 -2.57
N ASP C 127 21.88 8.03 -2.03
CA ASP C 127 22.45 9.21 -2.70
C ASP C 127 21.33 10.14 -3.19
N LEU C 128 20.43 10.50 -2.29
CA LEU C 128 19.29 11.37 -2.56
C LEU C 128 19.31 12.57 -1.63
N PRO C 129 18.85 13.72 -2.11
CA PRO C 129 18.67 14.85 -1.19
C PRO C 129 17.60 14.52 -0.16
N LEU C 130 17.72 15.16 0.99
CA LEU C 130 16.78 14.93 2.09
C LEU C 130 15.32 15.11 1.65
N ASP C 131 15.06 16.08 0.78
CA ASP C 131 13.68 16.44 0.45
C ASP C 131 13.00 15.45 -0.49
N ARG C 132 13.68 14.38 -0.88
CA ARG C 132 13.09 13.34 -1.70
C ARG C 132 12.87 12.04 -0.93
N VAL C 133 13.03 12.08 0.39
CA VAL C 133 12.91 10.91 1.26
C VAL C 133 11.96 11.27 2.40
N ASN C 134 11.00 10.37 2.70
CA ASN C 134 10.05 10.64 3.76
C ASN C 134 9.77 9.39 4.57
N VAL C 135 9.70 9.53 5.89
CA VAL C 135 9.36 8.45 6.80
C VAL C 135 8.22 8.91 7.71
N LYS C 136 7.19 8.09 7.83
CA LYS C 136 6.02 8.37 8.67
C LYS C 136 5.87 7.26 9.69
N ALA C 137 5.26 7.57 10.84
CA ALA C 137 5.09 6.57 11.88
C ALA C 137 3.75 6.73 12.57
N LYS C 138 3.14 5.60 12.93
CA LYS C 138 1.94 5.62 13.75
C LYS C 138 1.79 4.27 14.45
N THR C 139 0.82 4.20 15.36
CA THR C 139 0.43 2.98 16.05
C THR C 139 -0.63 2.24 15.24
N ASN C 140 -0.99 1.05 15.72
CA ASN C 140 -2.08 0.29 15.11
C ASN C 140 -3.35 0.31 15.96
N GLU C 141 -3.49 1.31 16.84
CA GLU C 141 -4.69 1.50 17.63
C GLU C 141 -5.03 0.24 18.44
N LYS C 142 -3.98 -0.42 18.93
CA LYS C 142 -4.07 -1.58 19.80
C LYS C 142 -4.79 -2.76 19.14
N LEU C 143 -4.78 -2.82 17.81
CA LEU C 143 -5.48 -3.86 17.07
C LEU C 143 -4.50 -4.90 16.55
N GLY C 144 -4.83 -6.17 16.76
CA GLY C 144 -4.06 -7.26 16.16
C GLY C 144 -2.64 -7.37 16.72
N TYR C 145 -1.82 -8.15 16.01
CA TYR C 145 -0.48 -8.46 16.52
C TYR C 145 0.39 -7.21 16.62
N LEU C 146 0.21 -6.25 15.71
CA LEU C 146 0.93 -4.98 15.83
C LEU C 146 0.49 -4.23 17.07
N GLY C 147 -0.82 -4.19 17.32
CA GLY C 147 -1.35 -3.48 18.48
C GLY C 147 -0.96 -4.12 19.80
N ARG C 148 -0.66 -5.42 19.80
CA ARG C 148 -0.17 -6.11 20.99
C ARG C 148 1.35 -6.05 21.12
N GLY C 149 2.03 -5.28 20.28
CA GLY C 149 3.48 -5.17 20.38
C GLY C 149 4.25 -6.40 19.94
N GLU C 150 3.65 -7.24 19.11
CA GLU C 150 4.32 -8.48 18.72
C GLU C 150 5.17 -8.31 17.48
N GLY C 151 4.96 -7.24 16.73
CA GLY C 151 5.79 -6.97 15.57
C GLY C 151 5.69 -5.50 15.22
N ILE C 152 6.49 -5.12 14.22
CA ILE C 152 6.52 -3.79 13.64
C ILE C 152 6.47 -3.93 12.12
N GLU C 153 5.54 -3.22 11.48
CA GLU C 153 5.35 -3.27 10.04
C GLU C 153 5.87 -1.99 9.39
N ALA C 154 6.38 -2.12 8.16
CA ALA C 154 6.74 -0.93 7.38
C ALA C 154 6.16 -1.05 5.97
N GLN C 155 5.75 0.09 5.43
CA GLN C 155 5.26 0.17 4.06
C GLN C 155 6.09 1.22 3.33
N ALA C 156 6.27 1.01 2.03
CA ALA C 156 7.07 1.96 1.28
C ALA C 156 6.53 2.10 -0.15
N ALA C 157 6.71 3.29 -0.70
CA ALA C 157 6.41 3.59 -2.09
C ALA C 157 7.62 4.31 -2.68
N ALA C 158 8.00 3.95 -3.91
CA ALA C 158 9.14 4.58 -4.55
C ALA C 158 8.81 4.89 -6.00
N LEU C 159 9.27 6.05 -6.47
CA LEU C 159 9.15 6.47 -7.86
C LEU C 159 10.55 6.52 -8.48
N VAL C 160 10.72 5.86 -9.62
CA VAL C 160 11.97 5.90 -10.36
C VAL C 160 11.70 6.36 -11.79
N VAL C 161 12.76 6.68 -12.52
CA VAL C 161 12.65 7.04 -13.93
C VAL C 161 13.82 6.43 -14.68
N ARG C 162 13.56 6.06 -15.93
CA ARG C 162 14.58 5.53 -16.84
C ARG C 162 14.81 6.60 -17.92
N GLU C 163 15.97 7.24 -17.88
CA GLU C 163 16.25 8.33 -18.81
C GLU C 163 17.26 7.92 -19.88
ZN ZN D . -10.43 -11.13 -4.44
C1 AZM E . -13.66 -8.74 -5.61
C2 AZM E . -15.10 -9.20 -7.45
C3 AZM E . -15.38 -10.91 -9.22
C4 AZM E . -16.34 -11.19 -10.35
N1 AZM E . -13.11 -7.97 -3.08
N2 AZM E . -15.48 -8.17 -6.78
N3 AZM E . -14.59 -7.91 -5.69
N4 AZM E . -15.73 -9.73 -8.52
O1 AZM E . -12.15 -10.24 -4.01
O2 AZM E . -11.14 -7.89 -4.94
O3 AZM E . -14.45 -11.60 -8.92
S1 AZM E . -12.36 -8.72 -4.39
S2 AZM E . -13.60 -10.03 -6.83
S DMS F . 5.97 -17.87 -0.24
O DMS F . 6.86 -18.37 -1.35
C1 DMS F . 5.86 -19.12 1.06
C2 DMS F . 6.99 -16.66 0.64
ZN ZN G . -6.66 7.98 12.11
S DMS H . -17.74 -2.70 1.84
O DMS H . -18.61 -1.53 1.51
C1 DMS H . -18.37 -3.56 3.29
C2 DMS H . -17.98 -3.99 0.57
ZN ZN I . 12.37 -8.23 6.40
S DMS J . 5.51 5.46 17.58
O DMS J . 4.85 4.41 18.42
C1 DMS J . 5.00 7.11 18.16
C2 DMS J . 4.74 5.47 15.94
#